data_9OAI
#
_entry.id   9OAI
#
_cell.length_a   69.879
_cell.length_b   69.879
_cell.length_c   316.209
_cell.angle_alpha   90.00
_cell.angle_beta   90.00
_cell.angle_gamma   120.00
#
_symmetry.space_group_name_H-M   'P 65 2 2'
#
loop_
_entity.id
_entity.type
_entity.pdbx_description
1 polymer 'nucleoside-diphosphate kinase'
2 non-polymer "THYMIDINE-5'-PHOSPHATE"
3 non-polymer 'ACETATE ION'
4 water water
#
_entity_poly.entity_id   1
_entity_poly.type   'polypeptide(L)'
_entity_poly.pdbx_seq_one_letter_code
;MAHHHHHHVEQTYLMIKPDGIQRQVVGEIISRFEKRGYRIAAMKLTIATPAILEEHYAEHKGKPFLPGLIEKMTGPVLCM
VFEGVDVIAQARKMMGSTRPGEAAPGTIRADFCQQAGRNLIHGSDSAESAKREISLWFKPEEIQSYKLALSDYIFE
;
_entity_poly.pdbx_strand_id   A,B,C
#
loop_
_chem_comp.id
_chem_comp.type
_chem_comp.name
_chem_comp.formula
ACT non-polymer 'ACETATE ION' 'C2 H3 O2 -1'
TMP non-polymer THYMIDINE-5'-PHOSPHATE 'C10 H15 N2 O8 P'
#
# COMPACT_ATOMS: atom_id res chain seq x y z
N HIS A 8 -8.76 -24.05 9.19
CA HIS A 8 -9.86 -23.53 9.99
C HIS A 8 -9.84 -22.00 10.05
N VAL A 9 -11.02 -21.39 9.96
CA VAL A 9 -11.07 -19.95 10.16
C VAL A 9 -11.11 -19.64 11.65
N GLU A 10 -10.83 -18.39 11.99
CA GLU A 10 -11.13 -17.91 13.33
C GLU A 10 -11.80 -16.55 13.21
N GLN A 11 -12.14 -15.96 14.35
CA GLN A 11 -12.81 -14.66 14.41
C GLN A 11 -12.02 -13.73 15.32
N THR A 12 -11.91 -12.48 14.91
CA THR A 12 -11.23 -11.47 15.70
C THR A 12 -12.17 -10.30 15.96
N TYR A 13 -11.93 -9.58 17.06
CA TYR A 13 -12.66 -8.35 17.38
C TYR A 13 -11.88 -7.14 16.84
N LEU A 14 -12.50 -6.36 15.96
CA LEU A 14 -11.93 -5.12 15.45
C LEU A 14 -12.89 -3.99 15.77
N MET A 15 -12.36 -2.87 16.24
CA MET A 15 -13.20 -1.75 16.65
C MET A 15 -12.64 -0.47 16.06
N ILE A 16 -13.45 0.24 15.29
CA ILE A 16 -13.06 1.55 14.78
C ILE A 16 -13.26 2.54 15.92
N LYS A 17 -12.21 3.26 16.27
CA LYS A 17 -12.20 4.18 17.40
C LYS A 17 -12.86 5.51 16.99
N PRO A 18 -13.09 6.42 17.94
CA PRO A 18 -13.80 7.65 17.59
C PRO A 18 -13.12 8.45 16.51
N ASP A 19 -11.77 8.43 16.43
CA ASP A 19 -11.11 9.13 15.34
C ASP A 19 -11.44 8.55 13.97
N GLY A 20 -11.63 7.22 13.86
CA GLY A 20 -12.07 6.65 12.60
C GLY A 20 -13.46 7.11 12.21
N ILE A 21 -14.36 7.19 13.19
CA ILE A 21 -15.72 7.68 12.92
C ILE A 21 -15.69 9.13 12.51
N GLN A 22 -15.00 9.96 13.30
CA GLN A 22 -15.02 11.40 13.08
C GLN A 22 -14.30 11.82 11.82
N ARG A 23 -13.23 11.11 11.43
CA ARG A 23 -12.54 11.41 10.19
C ARG A 23 -13.25 10.79 8.99
N GLN A 24 -14.32 10.04 9.24
CA GLN A 24 -15.22 9.51 8.21
C GLN A 24 -14.49 8.62 7.21
N VAL A 25 -13.72 7.67 7.76
CA VAL A 25 -13.01 6.64 7.01
C VAL A 25 -13.50 5.23 7.35
N VAL A 26 -14.73 5.11 7.85
CA VAL A 26 -15.27 3.81 8.24
C VAL A 26 -15.32 2.88 7.03
N GLY A 27 -15.89 3.36 5.92
CA GLY A 27 -15.99 2.50 4.75
C GLY A 27 -14.65 2.06 4.23
N GLU A 28 -13.67 2.97 4.24
CA GLU A 28 -12.33 2.61 3.77
C GLU A 28 -11.74 1.50 4.63
N ILE A 29 -11.91 1.58 5.95
CA ILE A 29 -11.39 0.54 6.83
C ILE A 29 -12.06 -0.79 6.52
N ILE A 30 -13.39 -0.81 6.46
CA ILE A 30 -14.11 -2.05 6.19
C ILE A 30 -13.65 -2.64 4.86
N SER A 31 -13.48 -1.80 3.84
CA SER A 31 -13.07 -2.30 2.53
C SER A 31 -11.73 -3.04 2.59
N ARG A 32 -10.80 -2.58 3.43
CA ARG A 32 -9.51 -3.26 3.50
C ARG A 32 -9.67 -4.70 3.95
N PHE A 33 -10.56 -4.96 4.91
CA PHE A 33 -10.77 -6.33 5.36
C PHE A 33 -11.62 -7.14 4.39
N GLU A 34 -12.66 -6.54 3.81
CA GLU A 34 -13.42 -7.23 2.77
C GLU A 34 -12.55 -7.65 1.60
N LYS A 35 -11.52 -6.86 1.28
CA LYS A 35 -10.69 -7.10 0.10
C LYS A 35 -9.98 -8.44 0.18
N ARG A 36 -9.69 -8.94 1.38
CA ARG A 36 -9.06 -10.24 1.57
C ARG A 36 -10.06 -11.39 1.65
N GLY A 37 -11.35 -11.13 1.45
CA GLY A 37 -12.35 -12.14 1.61
C GLY A 37 -12.65 -12.46 3.05
N TYR A 38 -12.32 -11.56 3.97
CA TYR A 38 -12.76 -11.74 5.34
C TYR A 38 -14.24 -11.46 5.43
N ARG A 39 -14.94 -12.25 6.24
CA ARG A 39 -16.39 -12.20 6.36
C ARG A 39 -16.78 -11.35 7.56
N ILE A 40 -17.71 -10.42 7.34
CA ILE A 40 -18.31 -9.64 8.44
C ILE A 40 -19.25 -10.58 9.19
N ALA A 41 -18.91 -10.95 10.42
CA ALA A 41 -19.76 -11.78 11.25
C ALA A 41 -20.59 -10.98 12.24
N ALA A 42 -20.18 -9.74 12.55
CA ALA A 42 -20.95 -8.90 13.45
C ALA A 42 -20.52 -7.47 13.21
N MET A 43 -21.45 -6.53 13.43
CA MET A 43 -21.13 -5.12 13.24
C MET A 43 -22.17 -4.31 13.97
N LYS A 44 -21.73 -3.32 14.75
CA LYS A 44 -22.62 -2.51 15.57
C LYS A 44 -21.99 -1.15 15.84
N LEU A 45 -22.72 -0.06 15.59
CA LEU A 45 -22.31 1.25 16.06
C LEU A 45 -22.86 1.48 17.46
N THR A 46 -21.98 1.90 18.36
CA THR A 46 -22.40 2.28 19.70
C THR A 46 -21.55 3.47 20.12
N ILE A 47 -21.86 3.99 21.30
CA ILE A 47 -21.01 5.00 21.92
C ILE A 47 -20.39 4.33 23.13
N ALA A 48 -19.07 4.25 23.13
CA ALA A 48 -18.34 3.61 24.22
C ALA A 48 -18.36 4.50 25.45
N THR A 49 -18.59 3.87 26.60
CA THR A 49 -18.68 4.54 27.88
C THR A 49 -17.56 4.08 28.80
N PRO A 50 -17.25 4.86 29.84
CA PRO A 50 -16.12 4.48 30.70
C PRO A 50 -16.26 3.10 31.33
N ALA A 51 -17.47 2.69 31.69
CA ALA A 51 -17.62 1.41 32.36
C ALA A 51 -17.29 0.24 31.44
N ILE A 52 -17.73 0.28 30.18
CA ILE A 52 -17.38 -0.83 29.31
C ILE A 52 -15.91 -0.72 28.90
N LEU A 53 -15.39 0.50 28.79
CA LEU A 53 -13.98 0.64 28.40
C LEU A 53 -13.04 0.17 29.50
N GLU A 54 -13.43 0.33 30.77
CA GLU A 54 -12.64 -0.23 31.87
C GLU A 54 -12.47 -1.73 31.71
N GLU A 55 -13.54 -2.42 31.34
CA GLU A 55 -13.44 -3.86 31.09
C GLU A 55 -12.64 -4.16 29.83
N HIS A 56 -12.88 -3.39 28.77
CA HIS A 56 -12.13 -3.59 27.53
C HIS A 56 -10.62 -3.52 27.79
N TYR A 57 -10.20 -2.54 28.59
CA TYR A 57 -8.80 -2.30 28.93
C TYR A 57 -8.41 -2.91 30.27
N ALA A 58 -9.03 -4.02 30.64
CA ALA A 58 -8.81 -4.62 31.95
C ALA A 58 -7.33 -4.95 32.21
N GLU A 59 -6.57 -5.28 31.16
CA GLU A 59 -5.18 -5.63 31.40
C GLU A 59 -4.39 -4.45 31.97
N HIS A 60 -4.89 -3.23 31.79
CA HIS A 60 -4.21 -2.03 32.25
C HIS A 60 -4.79 -1.47 33.54
N LYS A 61 -5.55 -2.26 34.27
CA LYS A 61 -6.08 -1.80 35.54
C LYS A 61 -4.95 -1.28 36.44
N GLY A 62 -5.16 -0.11 37.02
CA GLY A 62 -4.21 0.47 37.94
C GLY A 62 -3.03 1.17 37.30
N LYS A 63 -2.97 1.22 36.01
CA LYS A 63 -1.84 1.88 35.38
C LYS A 63 -2.11 3.37 35.22
N PRO A 64 -1.07 4.20 35.31
CA PRO A 64 -1.30 5.65 35.31
C PRO A 64 -1.88 6.18 34.02
N PHE A 65 -1.73 5.45 32.91
CA PHE A 65 -2.19 5.93 31.61
C PHE A 65 -3.60 5.48 31.29
N LEU A 66 -4.23 4.69 32.15
CA LEU A 66 -5.53 4.13 31.80
C LEU A 66 -6.59 5.22 31.65
N PRO A 67 -6.66 6.22 32.53
CA PRO A 67 -7.67 7.25 32.32
C PRO A 67 -7.56 7.90 30.95
N GLY A 68 -6.33 8.14 30.47
CA GLY A 68 -6.16 8.74 29.15
C GLY A 68 -6.62 7.83 28.04
N LEU A 69 -6.34 6.52 28.15
CA LEU A 69 -6.85 5.59 27.16
C LEU A 69 -8.37 5.64 27.11
N ILE A 70 -9.00 5.68 28.28
CA ILE A 70 -10.46 5.66 28.32
CA ILE A 70 -10.47 5.68 28.35
C ILE A 70 -11.03 6.95 27.72
N GLU A 71 -10.42 8.10 28.03
CA GLU A 71 -10.92 9.36 27.48
C GLU A 71 -10.89 9.37 25.95
N LYS A 72 -9.79 8.92 25.36
CA LYS A 72 -9.71 8.92 23.90
C LYS A 72 -10.82 8.07 23.29
N MET A 73 -11.18 6.99 23.96
CA MET A 73 -12.12 6.03 23.44
C MET A 73 -13.57 6.34 23.79
N THR A 74 -13.83 7.36 24.60
CA THR A 74 -15.19 7.71 24.97
C THR A 74 -15.79 8.51 23.83
N GLY A 75 -16.65 7.87 23.07
CA GLY A 75 -17.18 8.44 21.83
C GLY A 75 -17.76 7.34 20.97
N PRO A 76 -18.27 7.68 19.79
CA PRO A 76 -18.77 6.67 18.86
C PRO A 76 -17.67 5.71 18.43
N VAL A 77 -18.03 4.43 18.35
CA VAL A 77 -17.17 3.37 17.87
C VAL A 77 -17.98 2.44 16.99
N LEU A 78 -17.29 1.75 16.08
CA LEU A 78 -17.89 0.66 15.29
C LEU A 78 -17.27 -0.66 15.76
N CYS A 79 -18.08 -1.45 16.44
CA CYS A 79 -17.71 -2.79 16.88
C CYS A 79 -17.85 -3.74 15.70
N MET A 80 -16.84 -4.60 15.48
CA MET A 80 -16.87 -5.50 14.34
C MET A 80 -16.27 -6.85 14.71
N VAL A 81 -16.77 -7.90 14.06
CA VAL A 81 -16.14 -9.21 14.11
C VAL A 81 -15.90 -9.62 12.67
N PHE A 82 -14.65 -9.94 12.34
CA PHE A 82 -14.28 -10.46 11.03
C PHE A 82 -13.77 -11.90 11.16
N GLU A 83 -14.12 -12.73 10.17
CA GLU A 83 -13.76 -14.14 10.13
C GLU A 83 -12.83 -14.41 8.94
N GLY A 84 -11.78 -15.19 9.20
CA GLY A 84 -10.89 -15.61 8.12
C GLY A 84 -9.81 -16.50 8.66
N VAL A 85 -9.00 -17.03 7.74
CA VAL A 85 -7.86 -17.84 8.13
C VAL A 85 -6.86 -16.96 8.85
N ASP A 86 -6.48 -17.36 10.07
CA ASP A 86 -5.42 -16.65 10.81
C ASP A 86 -5.78 -15.18 10.99
N VAL A 87 -7.06 -14.84 11.03
CA VAL A 87 -7.44 -13.43 10.94
C VAL A 87 -6.98 -12.62 12.16
N ILE A 88 -6.81 -13.25 13.33
CA ILE A 88 -6.38 -12.47 14.49
C ILE A 88 -4.99 -11.88 14.24
N ALA A 89 -4.05 -12.72 13.88
CA ALA A 89 -2.70 -12.24 13.60
C ALA A 89 -2.67 -11.37 12.34
N GLN A 90 -3.42 -11.75 11.31
CA GLN A 90 -3.39 -11.00 10.06
C GLN A 90 -3.97 -9.60 10.23
N ALA A 91 -5.08 -9.48 10.97
CA ALA A 91 -5.61 -8.14 11.19
C ALA A 91 -4.61 -7.27 11.95
N ARG A 92 -3.88 -7.82 12.92
CA ARG A 92 -2.84 -7.03 13.58
C ARG A 92 -1.80 -6.56 12.59
N LYS A 93 -1.39 -7.43 11.67
CA LYS A 93 -0.42 -7.03 10.68
C LYS A 93 -0.96 -5.92 9.80
N MET A 94 -2.26 -5.97 9.48
CA MET A 94 -2.88 -4.98 8.62
C MET A 94 -3.02 -3.63 9.31
N MET A 95 -3.31 -3.64 10.62
CA MET A 95 -3.40 -2.39 11.37
C MET A 95 -2.05 -1.70 11.42
N GLY A 96 -0.99 -2.49 11.59
CA GLY A 96 0.34 -1.98 11.79
C GLY A 96 0.66 -1.68 13.25
N SER A 97 1.92 -1.32 13.47
CA SER A 97 2.43 -1.01 14.81
C SER A 97 1.53 -0.01 15.55
N THR A 98 1.52 -0.14 16.88
CA THR A 98 0.78 0.78 17.73
C THR A 98 1.07 2.23 17.38
N ARG A 99 2.35 2.55 17.23
CA ARG A 99 2.77 3.88 16.82
C ARG A 99 2.69 3.99 15.31
N PRO A 100 1.84 4.87 14.76
CA PRO A 100 1.77 5.02 13.30
C PRO A 100 3.12 5.33 12.67
N GLY A 101 3.98 6.07 13.36
CA GLY A 101 5.29 6.40 12.82
C GLY A 101 6.23 5.23 12.68
N GLU A 102 5.95 4.12 13.37
CA GLU A 102 6.74 2.90 13.26
C GLU A 102 6.07 1.86 12.38
N ALA A 103 4.81 2.08 12.01
CA ALA A 103 4.05 1.11 11.24
C ALA A 103 4.53 1.06 9.79
N ALA A 104 4.37 -0.09 9.16
CA ALA A 104 4.85 -0.27 7.79
C ALA A 104 3.95 0.46 6.81
N PRO A 105 4.49 1.06 5.75
CA PRO A 105 3.60 1.60 4.71
C PRO A 105 2.69 0.51 4.18
N GLY A 106 1.45 0.88 3.89
CA GLY A 106 0.46 -0.09 3.49
C GLY A 106 -0.42 -0.58 4.61
N THR A 107 -0.04 -0.34 5.84
CA THR A 107 -0.90 -0.65 6.97
C THR A 107 -1.84 0.51 7.25
N ILE A 108 -2.91 0.22 8.00
CA ILE A 108 -3.91 1.24 8.31
C ILE A 108 -3.28 2.38 9.09
N ARG A 109 -2.55 2.07 10.15
CA ARG A 109 -2.04 3.16 10.97
C ARG A 109 -0.99 4.01 10.25
N ALA A 110 -0.13 3.40 9.42
CA ALA A 110 0.84 4.18 8.66
C ALA A 110 0.14 5.06 7.64
N ASP A 111 -0.92 4.53 7.03
CA ASP A 111 -1.55 5.23 5.91
C ASP A 111 -2.46 6.37 6.36
N PHE A 112 -3.02 6.30 7.58
CA PHE A 112 -4.01 7.26 8.04
C PHE A 112 -3.58 8.12 9.23
N CYS A 113 -2.55 7.74 9.99
CA CYS A 113 -2.39 8.31 11.34
C CYS A 113 -0.97 8.83 11.58
N GLN A 114 -0.85 9.56 12.70
CA GLN A 114 0.41 10.17 13.15
C GLN A 114 0.88 9.70 14.51
N GLN A 115 -0.03 9.54 15.48
CA GLN A 115 0.33 9.25 16.87
C GLN A 115 -0.46 8.09 17.44
N ALA A 116 0.15 7.42 18.42
CA ALA A 116 -0.46 6.20 18.97
C ALA A 116 -1.81 6.46 19.62
N GLY A 117 -1.95 7.62 20.27
CA GLY A 117 -3.20 7.90 20.96
C GLY A 117 -4.36 8.12 20.02
N ARG A 118 -4.08 8.37 18.74
CA ARG A 118 -5.12 8.49 17.72
C ARG A 118 -4.72 7.59 16.56
N ASN A 119 -4.88 6.28 16.76
CA ASN A 119 -4.41 5.29 15.80
C ASN A 119 -5.56 4.45 15.24
N LEU A 120 -6.76 5.05 15.23
CA LEU A 120 -7.90 4.73 14.35
C LEU A 120 -8.67 3.44 14.62
N ILE A 121 -8.02 2.43 15.16
CA ILE A 121 -8.60 1.10 15.14
C ILE A 121 -7.94 0.28 16.23
N HIS A 122 -8.75 -0.57 16.85
CA HIS A 122 -8.33 -1.62 17.78
C HIS A 122 -8.53 -2.99 17.14
N GLY A 123 -7.62 -3.91 17.41
CA GLY A 123 -7.84 -5.31 17.05
C GLY A 123 -7.28 -6.23 18.11
N SER A 124 -7.95 -7.38 18.28
CA SER A 124 -7.54 -8.35 19.30
C SER A 124 -6.08 -8.77 19.12
N ASP A 125 -5.36 -8.93 20.23
CA ASP A 125 -3.96 -9.28 20.13
C ASP A 125 -3.69 -10.78 20.27
N SER A 126 -4.71 -11.60 20.48
CA SER A 126 -4.52 -13.04 20.71
C SER A 126 -5.86 -13.74 20.65
N ALA A 127 -5.80 -15.07 20.59
CA ALA A 127 -7.02 -15.86 20.60
C ALA A 127 -7.83 -15.61 21.86
N GLU A 128 -7.14 -15.54 22.99
CA GLU A 128 -7.82 -15.36 24.27
C GLU A 128 -8.48 -13.99 24.34
N SER A 129 -7.78 -12.95 23.87
CA SER A 129 -8.39 -11.63 23.91
CA SER A 129 -8.35 -11.60 23.86
C SER A 129 -9.51 -11.50 22.89
N ALA A 130 -9.41 -12.15 21.73
CA ALA A 130 -10.53 -12.10 20.80
C ALA A 130 -11.80 -12.71 21.40
N LYS A 131 -11.67 -13.87 22.07
CA LYS A 131 -12.83 -14.48 22.67
C LYS A 131 -13.42 -13.56 23.73
N ARG A 132 -12.57 -12.96 24.57
CA ARG A 132 -13.04 -12.10 25.64
C ARG A 132 -13.69 -10.84 25.07
N GLU A 133 -13.05 -10.22 24.08
CA GLU A 133 -13.55 -8.96 23.54
C GLU A 133 -14.85 -9.16 22.78
N ILE A 134 -14.93 -10.22 21.97
CA ILE A 134 -16.19 -10.50 21.28
C ILE A 134 -17.32 -10.68 22.28
N SER A 135 -17.07 -11.39 23.39
CA SER A 135 -18.10 -11.59 24.40
C SER A 135 -18.45 -10.31 25.14
N LEU A 136 -17.50 -9.41 25.33
CA LEU A 136 -17.77 -8.15 26.01
C LEU A 136 -18.68 -7.24 25.19
N TRP A 137 -18.39 -7.09 23.89
CA TRP A 137 -19.06 -6.09 23.08
C TRP A 137 -20.28 -6.63 22.32
N PHE A 138 -20.41 -7.95 22.19
CA PHE A 138 -21.51 -8.56 21.45
C PHE A 138 -22.19 -9.65 22.29
N LYS A 139 -23.49 -9.75 22.15
CA LYS A 139 -24.22 -10.92 22.61
C LYS A 139 -24.15 -12.00 21.54
N PRO A 140 -24.28 -13.28 21.91
CA PRO A 140 -24.19 -14.34 20.88
C PRO A 140 -25.21 -14.18 19.78
N GLU A 141 -26.40 -13.68 20.10
CA GLU A 141 -27.43 -13.49 19.08
C GLU A 141 -27.06 -12.45 18.03
N GLU A 142 -26.03 -11.62 18.28
CA GLU A 142 -25.60 -10.62 17.32
C GLU A 142 -24.56 -11.14 16.34
N ILE A 143 -24.05 -12.35 16.56
CA ILE A 143 -23.01 -12.93 15.72
C ILE A 143 -23.70 -13.76 14.65
N GLN A 144 -23.45 -13.41 13.39
CA GLN A 144 -24.22 -13.93 12.26
C GLN A 144 -23.37 -14.95 11.51
N SER A 145 -23.96 -16.11 11.25
CA SER A 145 -23.30 -17.18 10.51
CA SER A 145 -23.30 -17.18 10.51
C SER A 145 -23.90 -17.29 9.12
N TYR A 146 -23.05 -17.12 8.10
CA TYR A 146 -23.40 -17.37 6.71
C TYR A 146 -22.09 -17.67 5.98
N LYS A 147 -22.22 -18.17 4.76
CA LYS A 147 -21.07 -18.56 3.94
C LYS A 147 -20.91 -17.60 2.78
N LEU A 148 -19.68 -17.14 2.53
CA LEU A 148 -19.40 -16.30 1.38
C LEU A 148 -19.52 -17.10 0.09
N ALA A 149 -20.24 -16.52 -0.88
CA ALA A 149 -20.43 -17.21 -2.15
C ALA A 149 -19.12 -17.48 -2.88
N LEU A 150 -18.10 -16.66 -2.66
CA LEU A 150 -16.81 -16.87 -3.32
C LEU A 150 -15.86 -17.76 -2.52
N SER A 151 -16.37 -18.51 -1.55
CA SER A 151 -15.53 -19.33 -0.67
CA SER A 151 -15.51 -19.33 -0.68
C SER A 151 -14.57 -20.23 -1.46
N ASP A 152 -15.04 -20.84 -2.56
CA ASP A 152 -14.18 -21.77 -3.30
C ASP A 152 -12.96 -21.09 -3.89
N TYR A 153 -13.00 -19.77 -4.08
CA TYR A 153 -11.91 -19.00 -4.66
C TYR A 153 -11.13 -18.21 -3.61
N ILE A 154 -11.52 -18.30 -2.35
CA ILE A 154 -10.82 -17.64 -1.26
C ILE A 154 -10.02 -18.63 -0.44
N PHE A 155 -10.59 -19.80 -0.19
CA PHE A 155 -9.99 -20.82 0.66
C PHE A 155 -9.45 -21.95 -0.18
N GLU A 156 -8.29 -22.45 0.19
CA GLU A 156 -7.66 -23.51 -0.60
C GLU A 156 -8.32 -24.84 -0.26
N HIS B 8 4.23 18.71 19.34
CA HIS B 8 5.13 19.47 18.49
C HIS B 8 5.09 18.94 17.05
N VAL B 9 4.73 19.79 16.11
CA VAL B 9 4.76 19.45 14.71
C VAL B 9 6.02 20.06 14.12
N GLU B 10 6.40 19.58 12.93
CA GLU B 10 7.40 20.25 12.13
C GLU B 10 6.90 20.36 10.70
N GLN B 11 7.71 21.00 9.87
CA GLN B 11 7.40 21.21 8.46
C GLN B 11 8.50 20.66 7.57
N THR B 12 8.11 20.09 6.43
CA THR B 12 9.06 19.57 5.47
C THR B 12 8.76 20.12 4.09
N TYR B 13 9.81 20.20 3.27
CA TYR B 13 9.69 20.60 1.87
C TYR B 13 9.52 19.35 1.01
N LEU B 14 8.42 19.28 0.28
CA LEU B 14 8.14 18.21 -0.66
C LEU B 14 7.90 18.84 -2.01
N MET B 15 8.48 18.25 -3.05
CA MET B 15 8.38 18.79 -4.39
C MET B 15 8.03 17.69 -5.37
N ILE B 16 6.91 17.86 -6.08
CA ILE B 16 6.57 16.93 -7.16
C ILE B 16 7.41 17.31 -8.38
N LYS B 17 8.17 16.36 -8.87
CA LYS B 17 9.09 16.55 -9.97
C LYS B 17 8.33 16.56 -11.30
N PRO B 18 9.01 16.91 -12.40
CA PRO B 18 8.28 17.00 -13.67
C PRO B 18 7.63 15.69 -14.09
N ASP B 19 8.18 14.53 -13.72
CA ASP B 19 7.51 13.28 -14.06
C ASP B 19 6.17 13.13 -13.33
N GLY B 20 6.06 13.65 -12.11
CA GLY B 20 4.78 13.61 -11.42
C GLY B 20 3.74 14.48 -12.08
N ILE B 21 4.17 15.65 -12.57
CA ILE B 21 3.27 16.54 -13.30
C ILE B 21 2.85 15.90 -14.61
N GLN B 22 3.83 15.42 -15.38
CA GLN B 22 3.53 14.92 -16.73
C GLN B 22 2.76 13.61 -16.71
N ARG B 23 2.99 12.78 -15.70
CA ARG B 23 2.23 11.54 -15.58
C ARG B 23 0.86 11.80 -14.96
N GLN B 24 0.61 13.03 -14.53
CA GLN B 24 -0.71 13.49 -14.06
C GLN B 24 -1.18 12.71 -12.84
N VAL B 25 -0.28 12.61 -11.86
CA VAL B 25 -0.55 11.96 -10.58
C VAL B 25 -0.39 12.96 -9.41
N VAL B 26 -0.49 14.25 -9.69
CA VAL B 26 -0.34 15.26 -8.63
C VAL B 26 -1.37 15.04 -7.52
N GLY B 27 -2.64 14.90 -7.90
CA GLY B 27 -3.67 14.74 -6.89
C GLY B 27 -3.48 13.49 -6.05
N GLU B 28 -3.07 12.38 -6.68
CA GLU B 28 -2.82 11.16 -5.92
C GLU B 28 -1.72 11.35 -4.89
N ILE B 29 -0.66 12.05 -5.27
CA ILE B 29 0.44 12.30 -4.33
C ILE B 29 -0.06 13.14 -3.14
N ILE B 30 -0.74 14.25 -3.42
CA ILE B 30 -1.25 15.08 -2.34
C ILE B 30 -2.17 14.28 -1.43
N SER B 31 -3.03 13.44 -2.01
CA SER B 31 -3.97 12.68 -1.21
C SER B 31 -3.25 11.78 -0.22
N ARG B 32 -2.08 11.24 -0.57
CA ARG B 32 -1.37 10.38 0.37
C ARG B 32 -0.99 11.14 1.63
N PHE B 33 -0.56 12.38 1.48
CA PHE B 33 -0.16 13.15 2.65
C PHE B 33 -1.37 13.70 3.42
N GLU B 34 -2.40 14.16 2.71
CA GLU B 34 -3.63 14.56 3.38
C GLU B 34 -4.23 13.42 4.19
N LYS B 35 -4.06 12.19 3.72
CA LYS B 35 -4.71 11.04 4.35
C LYS B 35 -4.26 10.85 5.78
N ARG B 36 -3.04 11.29 6.12
CA ARG B 36 -2.51 11.19 7.47
C ARG B 36 -2.80 12.41 8.31
N GLY B 37 -3.59 13.36 7.79
CA GLY B 37 -3.86 14.57 8.51
C GLY B 37 -2.71 15.53 8.51
N TYR B 38 -1.80 15.40 7.55
CA TYR B 38 -0.79 16.43 7.38
C TYR B 38 -1.42 17.67 6.76
N ARG B 39 -0.97 18.85 7.21
CA ARG B 39 -1.53 20.11 6.77
C ARG B 39 -0.71 20.69 5.62
N ILE B 40 -1.40 21.12 4.57
CA ILE B 40 -0.78 21.88 3.49
C ILE B 40 -0.51 23.29 4.01
N ALA B 41 0.75 23.60 4.28
CA ALA B 41 1.12 24.93 4.70
C ALA B 41 1.54 25.83 3.54
N ALA B 42 1.94 25.25 2.41
CA ALA B 42 2.34 26.02 1.24
C ALA B 42 2.24 25.11 0.02
N MET B 43 1.93 25.71 -1.12
CA MET B 43 1.77 24.96 -2.37
C MET B 43 1.88 25.96 -3.50
N LYS B 44 2.73 25.66 -4.49
CA LYS B 44 2.93 26.56 -5.61
C LYS B 44 3.42 25.76 -6.80
N LEU B 45 2.80 25.96 -7.95
CA LEU B 45 3.34 25.43 -9.20
C LEU B 45 4.32 26.44 -9.81
N THR B 46 5.48 25.95 -10.22
CA THR B 46 6.44 26.80 -10.92
C THR B 46 7.12 25.93 -11.97
N ILE B 47 7.99 26.55 -12.76
CA ILE B 47 8.87 25.81 -13.65
C ILE B 47 10.28 25.96 -13.08
N ALA B 48 10.88 24.85 -12.70
CA ALA B 48 12.23 24.86 -12.17
C ALA B 48 13.23 25.21 -13.27
N THR B 49 14.17 26.07 -12.95
CA THR B 49 15.22 26.51 -13.86
C THR B 49 16.58 26.05 -13.39
N PRO B 50 17.57 26.01 -14.30
CA PRO B 50 18.92 25.58 -13.88
C PRO B 50 19.50 26.37 -12.71
N ALA B 51 19.30 27.69 -12.66
CA ALA B 51 19.91 28.45 -11.57
C ALA B 51 19.35 28.05 -10.22
N ILE B 52 18.03 27.84 -10.11
CA ILE B 52 17.48 27.45 -8.81
C ILE B 52 17.85 26.01 -8.51
N LEU B 53 17.87 25.15 -9.54
CA LEU B 53 18.22 23.76 -9.32
C LEU B 53 19.68 23.59 -8.91
N GLU B 54 20.58 24.45 -9.40
CA GLU B 54 21.97 24.39 -8.95
C GLU B 54 22.08 24.66 -7.46
N GLU B 55 21.26 25.58 -6.93
CA GLU B 55 21.22 25.83 -5.50
CA GLU B 55 21.25 25.81 -5.49
C GLU B 55 20.61 24.64 -4.77
N HIS B 56 19.50 24.13 -5.29
CA HIS B 56 18.83 23.01 -4.65
C HIS B 56 19.78 21.84 -4.49
N TYR B 57 20.54 21.53 -5.54
CA TYR B 57 21.49 20.43 -5.56
C TYR B 57 22.92 20.89 -5.27
N ALA B 58 23.08 21.93 -4.46
CA ALA B 58 24.41 22.50 -4.22
C ALA B 58 25.41 21.46 -3.74
N GLU B 59 24.97 20.50 -2.92
CA GLU B 59 25.91 19.51 -2.39
C GLU B 59 26.56 18.69 -3.50
N HIS B 60 25.95 18.64 -4.69
CA HIS B 60 26.44 17.81 -5.79
C HIS B 60 27.14 18.62 -6.87
N LYS B 61 27.42 19.90 -6.62
CA LYS B 61 28.19 20.71 -7.55
C LYS B 61 29.44 19.98 -8.01
N GLY B 62 29.63 19.93 -9.33
CA GLY B 62 30.82 19.34 -9.91
C GLY B 62 30.75 17.85 -10.18
N LYS B 63 29.77 17.16 -9.62
CA LYS B 63 29.67 15.73 -9.85
C LYS B 63 29.16 15.45 -11.26
N PRO B 64 29.67 14.42 -11.94
CA PRO B 64 29.34 14.24 -13.36
C PRO B 64 27.87 13.97 -13.63
N PHE B 65 27.12 13.45 -12.66
CA PHE B 65 25.70 13.19 -12.88
C PHE B 65 24.83 14.43 -12.73
N LEU B 66 25.39 15.53 -12.23
CA LEU B 66 24.55 16.70 -11.96
C LEU B 66 23.93 17.29 -13.24
N PRO B 67 24.65 17.48 -14.34
CA PRO B 67 23.98 18.08 -15.50
C PRO B 67 22.76 17.29 -15.95
N GLY B 68 22.82 15.97 -15.94
CA GLY B 68 21.65 15.18 -16.32
C GLY B 68 20.52 15.30 -15.32
N LEU B 69 20.84 15.35 -14.04
CA LEU B 69 19.83 15.57 -13.01
C LEU B 69 19.13 16.90 -13.23
N ILE B 70 19.89 17.95 -13.50
CA ILE B 70 19.28 19.26 -13.71
CA ILE B 70 19.30 19.27 -13.71
C ILE B 70 18.40 19.26 -14.94
N GLU B 71 18.83 18.59 -16.01
CA GLU B 71 18.01 18.48 -17.21
C GLU B 71 16.68 17.80 -16.92
N LYS B 72 16.70 16.70 -16.17
CA LYS B 72 15.46 16.02 -15.84
C LYS B 72 14.54 16.90 -15.02
N MET B 73 15.11 17.76 -14.18
CA MET B 73 14.32 18.57 -13.26
C MET B 73 13.92 19.92 -13.86
N THR B 74 14.40 20.25 -15.06
CA THR B 74 14.00 21.50 -15.71
C THR B 74 12.65 21.29 -16.37
N GLY B 75 11.61 21.76 -15.68
CA GLY B 75 10.26 21.51 -16.07
C GLY B 75 9.34 21.95 -14.97
N PRO B 76 8.04 21.75 -15.17
CA PRO B 76 7.08 22.10 -14.12
C PRO B 76 7.31 21.26 -12.88
N VAL B 77 7.18 21.89 -11.71
CA VAL B 77 7.25 21.22 -10.43
C VAL B 77 6.17 21.81 -9.53
N LEU B 78 5.73 21.02 -8.56
CA LEU B 78 4.81 21.51 -7.54
C LEU B 78 5.58 21.58 -6.23
N CYS B 79 5.86 22.80 -5.79
CA CYS B 79 6.49 23.05 -4.50
C CYS B 79 5.45 22.93 -3.39
N MET B 80 5.80 22.25 -2.30
CA MET B 80 4.83 22.02 -1.21
C MET B 80 5.55 22.09 0.14
N VAL B 81 4.83 22.56 1.16
CA VAL B 81 5.22 22.37 2.55
C VAL B 81 4.08 21.67 3.27
N PHE B 82 4.39 20.54 3.91
CA PHE B 82 3.44 19.80 4.74
C PHE B 82 3.90 19.85 6.19
N GLU B 83 2.92 19.92 7.10
CA GLU B 83 3.13 20.01 8.53
C GLU B 83 2.52 18.80 9.22
N GLY B 84 3.27 18.22 10.15
CA GLY B 84 2.78 17.12 10.96
C GLY B 84 3.81 16.68 11.96
N VAL B 85 3.40 15.76 12.83
CA VAL B 85 4.33 15.17 13.79
C VAL B 85 5.39 14.40 13.02
N ASP B 86 6.66 14.71 13.30
CA ASP B 86 7.76 13.92 12.73
C ASP B 86 7.68 13.88 11.19
N VAL B 87 7.12 14.93 10.57
CA VAL B 87 6.80 14.82 9.15
C VAL B 87 8.03 14.74 8.27
N ILE B 88 9.18 15.27 8.70
CA ILE B 88 10.37 15.17 7.84
C ILE B 88 10.73 13.70 7.63
N ALA B 89 10.92 12.96 8.73
CA ALA B 89 11.24 11.56 8.63
C ALA B 89 10.09 10.76 8.03
N GLN B 90 8.86 11.07 8.40
CA GLN B 90 7.74 10.29 7.91
C GLN B 90 7.55 10.47 6.42
N ALA B 91 7.73 11.69 5.91
CA ALA B 91 7.56 11.87 4.46
C ALA B 91 8.64 11.09 3.72
N ARG B 92 9.86 11.05 4.25
CA ARG B 92 10.91 10.26 3.63
CA ARG B 92 10.91 10.26 3.63
C ARG B 92 10.52 8.79 3.58
N LYS B 93 9.93 8.29 4.66
CA LYS B 93 9.49 6.91 4.72
C LYS B 93 8.39 6.65 3.71
N MET B 94 7.46 7.59 3.56
CA MET B 94 6.35 7.44 2.63
C MET B 94 6.82 7.48 1.18
N MET B 95 7.85 8.29 0.87
CA MET B 95 8.40 8.32 -0.48
C MET B 95 9.08 7.01 -0.81
N GLY B 96 9.77 6.42 0.17
CA GLY B 96 10.57 5.23 -0.04
C GLY B 96 11.96 5.56 -0.55
N SER B 97 12.77 4.50 -0.66
CA SER B 97 14.14 4.59 -1.14
C SER B 97 14.24 5.38 -2.44
N THR B 98 15.37 6.11 -2.57
CA THR B 98 15.70 6.85 -3.77
C THR B 98 15.54 5.99 -5.01
N ARG B 99 16.05 4.76 -4.96
CA ARG B 99 15.93 3.80 -6.04
C ARG B 99 14.60 3.08 -5.88
N PRO B 100 13.63 3.27 -6.80
CA PRO B 100 12.32 2.64 -6.63
C PRO B 100 12.37 1.12 -6.48
N GLY B 101 13.34 0.47 -7.09
CA GLY B 101 13.41 -0.98 -7.02
C GLY B 101 13.77 -1.48 -5.63
N GLU B 102 14.33 -0.61 -4.80
CA GLU B 102 14.65 -0.92 -3.42
C GLU B 102 13.58 -0.45 -2.44
N ALA B 103 12.66 0.38 -2.89
CA ALA B 103 11.65 0.97 -2.03
C ALA B 103 10.61 -0.07 -1.61
N ALA B 104 10.08 0.12 -0.40
CA ALA B 104 9.13 -0.84 0.16
C ALA B 104 7.78 -0.76 -0.54
N PRO B 105 7.09 -1.89 -0.71
CA PRO B 105 5.71 -1.82 -1.22
C PRO B 105 4.88 -0.88 -0.37
N GLY B 106 4.03 -0.09 -1.02
CA GLY B 106 3.22 0.89 -0.33
C GLY B 106 3.82 2.28 -0.28
N THR B 107 5.07 2.45 -0.66
CA THR B 107 5.67 3.77 -0.75
C THR B 107 5.41 4.36 -2.14
N ILE B 108 5.56 5.67 -2.23
CA ILE B 108 5.28 6.35 -3.49
C ILE B 108 6.20 5.82 -4.59
N ARG B 109 7.50 5.75 -4.31
CA ARG B 109 8.42 5.36 -5.37
C ARG B 109 8.24 3.91 -5.79
N ALA B 110 7.95 3.02 -4.85
CA ALA B 110 7.68 1.63 -5.22
C ALA B 110 6.38 1.50 -6.01
N ASP B 111 5.39 2.32 -5.67
CA ASP B 111 4.08 2.15 -6.30
C ASP B 111 3.98 2.79 -7.67
N PHE B 112 4.80 3.81 -7.95
CA PHE B 112 4.71 4.59 -9.18
C PHE B 112 5.92 4.52 -10.11
N CYS B 113 7.10 4.11 -9.66
CA CYS B 113 8.33 4.40 -10.41
C CYS B 113 9.19 3.17 -10.63
N GLN B 114 10.19 3.36 -11.50
CA GLN B 114 11.14 2.31 -11.88
C GLN B 114 12.59 2.65 -11.57
N GLN B 115 13.02 3.89 -11.80
CA GLN B 115 14.41 4.28 -11.71
C GLN B 115 14.59 5.57 -10.91
N ALA B 116 15.77 5.69 -10.27
CA ALA B 116 16.03 6.83 -9.40
C ALA B 116 15.94 8.16 -10.14
N GLY B 117 16.39 8.21 -11.39
CA GLY B 117 16.36 9.45 -12.14
C GLY B 117 14.97 9.96 -12.43
N ARG B 118 13.95 9.11 -12.32
CA ARG B 118 12.55 9.52 -12.50
C ARG B 118 11.79 8.93 -11.32
N ASN B 119 11.95 9.54 -10.15
CA ASN B 119 11.38 8.97 -8.94
C ASN B 119 10.36 9.90 -8.28
N LEU B 120 9.73 10.74 -9.10
CA LEU B 120 8.47 11.43 -8.90
C LEU B 120 8.43 12.59 -7.92
N ILE B 121 9.27 12.57 -6.89
CA ILE B 121 9.05 13.44 -5.74
C ILE B 121 10.37 13.59 -5.04
N HIS B 122 10.58 14.77 -4.46
CA HIS B 122 11.66 15.09 -3.55
C HIS B 122 11.09 15.41 -2.18
N GLY B 123 11.81 15.01 -1.12
CA GLY B 123 11.49 15.46 0.22
C GLY B 123 12.75 15.75 1.02
N SER B 124 12.67 16.75 1.89
CA SER B 124 13.80 17.14 2.72
C SER B 124 14.34 15.96 3.51
N ASP B 125 15.68 15.85 3.60
CA ASP B 125 16.28 14.74 4.33
C ASP B 125 16.57 15.07 5.79
N SER B 126 16.32 16.30 6.25
CA SER B 126 16.68 16.68 7.61
C SER B 126 16.02 18.01 7.93
N ALA B 127 16.04 18.36 9.22
CA ALA B 127 15.52 19.66 9.63
C ALA B 127 16.32 20.79 8.99
N GLU B 128 17.65 20.64 8.92
CA GLU B 128 18.49 21.65 8.30
C GLU B 128 18.15 21.80 6.82
N SER B 129 17.98 20.69 6.11
CA SER B 129 17.67 20.80 4.69
CA SER B 129 17.64 20.75 4.69
C SER B 129 16.25 21.31 4.47
N ALA B 130 15.30 20.98 5.36
CA ALA B 130 13.96 21.53 5.23
C ALA B 130 13.97 23.05 5.32
N LYS B 131 14.71 23.60 6.28
CA LYS B 131 14.79 25.06 6.40
C LYS B 131 15.41 25.67 5.17
N ARG B 132 16.50 25.07 4.68
CA ARG B 132 17.19 25.59 3.52
CA ARG B 132 17.19 25.58 3.51
C ARG B 132 16.31 25.53 2.27
N GLU B 133 15.62 24.41 2.06
CA GLU B 133 14.82 24.22 0.85
C GLU B 133 13.57 25.08 0.86
N ILE B 134 12.92 25.21 2.02
CA ILE B 134 11.74 26.07 2.12
C ILE B 134 12.12 27.53 1.84
N SER B 135 13.28 27.96 2.32
CA SER B 135 13.77 29.32 2.02
C SER B 135 14.11 29.49 0.54
N LEU B 136 14.61 28.44 -0.10
CA LEU B 136 15.00 28.57 -1.51
C LEU B 136 13.79 28.65 -2.42
N TRP B 137 12.80 27.79 -2.18
CA TRP B 137 11.72 27.65 -3.14
C TRP B 137 10.49 28.49 -2.84
N PHE B 138 10.33 28.96 -1.60
CA PHE B 138 9.17 29.74 -1.21
C PHE B 138 9.60 31.11 -0.67
N LYS B 139 8.74 32.09 -0.87
CA LYS B 139 8.82 33.29 -0.05
C LYS B 139 8.06 33.05 1.25
N PRO B 140 8.46 33.68 2.35
CA PRO B 140 7.69 33.48 3.60
C PRO B 140 6.24 33.92 3.47
N GLU B 141 5.91 34.84 2.56
CA GLU B 141 4.52 35.18 2.32
C GLU B 141 3.71 33.97 1.89
N GLU B 142 4.35 32.98 1.30
CA GLU B 142 3.66 31.84 0.74
C GLU B 142 3.38 30.74 1.77
N ILE B 143 3.96 30.82 2.97
CA ILE B 143 3.70 29.84 4.03
C ILE B 143 2.50 30.33 4.85
N GLN B 144 1.44 29.53 4.88
CA GLN B 144 0.17 29.91 5.49
C GLN B 144 -0.02 29.24 6.84
N SER B 145 -0.49 30.02 7.82
CA SER B 145 -0.77 29.51 9.15
CA SER B 145 -0.77 29.53 9.16
C SER B 145 -2.27 29.38 9.33
N TYR B 146 -2.71 28.16 9.63
CA TYR B 146 -4.09 27.87 9.99
C TYR B 146 -4.11 26.51 10.68
N LYS B 147 -5.22 26.19 11.33
CA LYS B 147 -5.37 24.98 12.10
C LYS B 147 -6.38 24.04 11.46
N LEU B 148 -6.05 22.75 11.40
CA LEU B 148 -7.00 21.75 10.93
C LEU B 148 -8.13 21.50 11.93
N ALA B 149 -9.37 21.51 11.43
CA ALA B 149 -10.54 21.33 12.28
C ALA B 149 -10.60 19.94 12.90
N LEU B 150 -9.97 18.93 12.27
CA LEU B 150 -9.96 17.59 12.84
C LEU B 150 -8.77 17.35 13.79
N SER B 151 -8.09 18.41 14.24
CA SER B 151 -6.91 18.28 15.09
CA SER B 151 -6.91 18.26 15.08
C SER B 151 -7.14 17.38 16.30
N ASP B 152 -8.32 17.47 16.94
CA ASP B 152 -8.56 16.71 18.16
C ASP B 152 -8.54 15.21 17.91
N TYR B 153 -8.74 14.78 16.66
CA TYR B 153 -8.78 13.38 16.30
C TYR B 153 -7.54 12.95 15.53
N ILE B 154 -6.64 13.87 15.24
CA ILE B 154 -5.38 13.56 14.57
C ILE B 154 -4.24 13.48 15.57
N PHE B 155 -4.22 14.40 16.53
CA PHE B 155 -3.15 14.50 17.52
C PHE B 155 -3.61 13.99 18.89
N GLU B 156 -2.70 13.34 19.59
CA GLU B 156 -3.02 12.72 20.87
C GLU B 156 -2.97 13.79 21.96
N HIS C 8 17.46 -0.25 -20.26
CA HIS C 8 17.48 -1.71 -20.45
C HIS C 8 16.29 -2.37 -19.75
N VAL C 9 15.28 -2.74 -20.51
CA VAL C 9 14.07 -3.34 -19.96
C VAL C 9 14.08 -4.84 -20.19
N GLU C 10 13.24 -5.55 -19.45
CA GLU C 10 12.99 -6.95 -19.67
C GLU C 10 11.48 -7.19 -19.63
N GLN C 11 11.10 -8.44 -19.89
CA GLN C 11 9.70 -8.85 -19.93
C GLN C 11 9.47 -10.03 -18.98
N THR C 12 8.34 -9.99 -18.28
CA THR C 12 7.95 -11.08 -17.39
C THR C 12 6.59 -11.61 -17.76
N TYR C 13 6.35 -12.87 -17.44
CA TYR C 13 5.05 -13.50 -17.62
C TYR C 13 4.27 -13.41 -16.32
N LEU C 14 3.09 -12.79 -16.37
CA LEU C 14 2.19 -12.66 -15.24
C LEU C 14 0.87 -13.26 -15.66
N MET C 15 0.26 -14.05 -14.78
CA MET C 15 -0.99 -14.71 -15.10
C MET C 15 -1.96 -14.56 -13.96
N ILE C 16 -3.13 -13.98 -14.25
CA ILE C 16 -4.19 -13.91 -13.26
C ILE C 16 -4.88 -15.27 -13.21
N LYS C 17 -4.91 -15.87 -12.03
CA LYS C 17 -5.43 -17.21 -11.82
C LYS C 17 -6.95 -17.18 -11.77
N PRO C 18 -7.61 -18.34 -11.77
CA PRO C 18 -9.08 -18.34 -11.78
C PRO C 18 -9.71 -17.56 -10.64
N ASP C 19 -9.08 -17.52 -9.47
CA ASP C 19 -9.63 -16.73 -8.36
C ASP C 19 -9.60 -15.24 -8.66
N GLY C 20 -8.58 -14.76 -9.38
CA GLY C 20 -8.57 -13.36 -9.75
C GLY C 20 -9.70 -13.03 -10.72
N ILE C 21 -9.97 -13.96 -11.65
CA ILE C 21 -11.06 -13.77 -12.60
C ILE C 21 -12.40 -13.78 -11.86
N GLN C 22 -12.64 -14.81 -11.04
CA GLN C 22 -13.94 -15.00 -10.42
C GLN C 22 -14.24 -13.96 -9.36
N ARG C 23 -13.22 -13.47 -8.65
CA ARG C 23 -13.41 -12.38 -7.69
C ARG C 23 -13.48 -11.02 -8.37
N GLN C 24 -13.27 -10.99 -9.68
CA GLN C 24 -13.50 -9.82 -10.53
C GLN C 24 -12.62 -8.64 -10.09
N VAL C 25 -11.32 -8.93 -9.94
CA VAL C 25 -10.29 -7.95 -9.61
C VAL C 25 -9.23 -7.85 -10.72
N VAL C 26 -9.57 -8.26 -11.94
CA VAL C 26 -8.62 -8.20 -13.05
C VAL C 26 -8.14 -6.77 -13.27
N GLY C 27 -9.08 -5.83 -13.31
CA GLY C 27 -8.70 -4.45 -13.56
C GLY C 27 -7.81 -3.88 -12.47
N GLU C 28 -8.13 -4.20 -11.21
CA GLU C 28 -7.29 -3.72 -10.11
C GLU C 28 -5.87 -4.26 -10.22
N ILE C 29 -5.73 -5.53 -10.60
CA ILE C 29 -4.39 -6.10 -10.75
C ILE C 29 -3.63 -5.39 -11.86
N ILE C 30 -4.25 -5.25 -13.04
CA ILE C 30 -3.60 -4.59 -14.15
C ILE C 30 -3.17 -3.16 -13.75
N SER C 31 -4.05 -2.44 -13.08
CA SER C 31 -3.75 -1.07 -12.68
C SER C 31 -2.49 -0.97 -11.81
N ARG C 32 -2.22 -1.99 -10.97
CA ARG C 32 -1.03 -1.91 -10.13
C ARG C 32 0.23 -1.91 -10.97
N PHE C 33 0.25 -2.67 -12.06
CA PHE C 33 1.45 -2.73 -12.91
C PHE C 33 1.53 -1.52 -13.85
N GLU C 34 0.40 -1.09 -14.41
CA GLU C 34 0.37 0.14 -15.19
C GLU C 34 0.86 1.33 -14.38
N LYS C 35 0.58 1.34 -13.07
CA LYS C 35 0.90 2.50 -12.23
C LYS C 35 2.38 2.78 -12.20
N ARG C 36 3.22 1.76 -12.38
CA ARG C 36 4.67 1.94 -12.39
C ARG C 36 5.22 2.25 -13.79
N GLY C 37 4.34 2.43 -14.77
CA GLY C 37 4.79 2.62 -16.12
C GLY C 37 5.26 1.36 -16.79
N TYR C 38 4.86 0.19 -16.28
CA TYR C 38 5.13 -1.04 -17.01
C TYR C 38 4.21 -1.12 -18.22
N ARG C 39 4.75 -1.66 -19.31
CA ARG C 39 4.07 -1.68 -20.60
C ARG C 39 3.42 -3.05 -20.81
N ILE C 40 2.14 -3.05 -21.17
CA ILE C 40 1.47 -4.29 -21.54
C ILE C 40 1.99 -4.71 -22.92
N ALA C 41 2.75 -5.80 -22.98
CA ALA C 41 3.27 -6.30 -24.24
C ALA C 41 2.45 -7.45 -24.80
N ALA C 42 1.65 -8.10 -23.99
CA ALA C 42 0.79 -9.18 -24.45
C ALA C 42 -0.29 -9.41 -23.41
N MET C 43 -1.46 -9.82 -23.87
CA MET C 43 -2.59 -10.09 -22.97
C MET C 43 -3.58 -10.98 -23.70
N LYS C 44 -4.08 -12.01 -23.02
CA LYS C 44 -4.99 -12.99 -23.62
C LYS C 44 -5.77 -13.68 -22.51
N LEU C 45 -7.10 -13.72 -22.65
CA LEU C 45 -7.90 -14.57 -21.79
C LEU C 45 -8.05 -15.96 -22.41
N THR C 46 -7.80 -17.00 -21.62
CA THR C 46 -7.98 -18.36 -22.08
C THR C 46 -8.51 -19.19 -20.92
N ILE C 47 -8.88 -20.43 -21.21
CA ILE C 47 -9.17 -21.40 -20.16
C ILE C 47 -8.00 -22.37 -20.13
N ALA C 48 -7.29 -22.39 -19.02
CA ALA C 48 -6.11 -23.24 -18.92
C ALA C 48 -6.51 -24.70 -18.92
N THR C 49 -5.73 -25.52 -19.64
CA THR C 49 -5.95 -26.96 -19.77
C THR C 49 -4.94 -27.72 -18.92
N PRO C 50 -5.26 -28.93 -18.46
CA PRO C 50 -4.23 -29.75 -17.79
C PRO C 50 -2.97 -29.91 -18.59
N ALA C 51 -3.08 -30.05 -19.92
CA ALA C 51 -1.90 -30.27 -20.74
C ALA C 51 -0.93 -29.09 -20.68
N ILE C 52 -1.44 -27.86 -20.79
CA ILE C 52 -0.53 -26.72 -20.72
C ILE C 52 -0.04 -26.53 -19.30
N LEU C 53 -0.88 -26.82 -18.30
CA LEU C 53 -0.48 -26.61 -16.91
C LEU C 53 0.59 -27.62 -16.46
N GLU C 54 0.57 -28.84 -17.00
CA GLU C 54 1.65 -29.79 -16.73
C GLU C 54 2.98 -29.23 -17.19
N GLU C 55 3.01 -28.55 -18.34
CA GLU C 55 4.25 -27.94 -18.80
CA GLU C 55 4.22 -27.91 -18.84
C GLU C 55 4.58 -26.68 -18.00
N HIS C 56 3.58 -25.86 -17.68
CA HIS C 56 3.81 -24.68 -16.86
C HIS C 56 4.46 -25.06 -15.53
N TYR C 57 3.96 -26.13 -14.90
CA TYR C 57 4.44 -26.62 -13.61
C TYR C 57 5.42 -27.78 -13.76
N ALA C 58 6.17 -27.83 -14.87
CA ALA C 58 7.07 -28.94 -15.12
C ALA C 58 8.07 -29.17 -13.99
N GLU C 59 8.46 -28.11 -13.28
CA GLU C 59 9.42 -28.28 -12.19
C GLU C 59 8.88 -29.21 -11.10
N HIS C 60 7.56 -29.34 -10.98
CA HIS C 60 6.96 -30.17 -9.95
C HIS C 60 6.50 -31.52 -10.46
N LYS C 61 6.94 -31.92 -11.64
CA LYS C 61 6.56 -33.23 -12.16
C LYS C 61 6.78 -34.31 -11.10
N GLY C 62 5.79 -35.17 -10.94
CA GLY C 62 5.90 -36.29 -10.03
C GLY C 62 5.63 -35.98 -8.59
N LYS C 63 5.43 -34.71 -8.20
CA LYS C 63 5.27 -34.37 -6.80
C LYS C 63 3.82 -34.57 -6.35
N PRO C 64 3.61 -34.91 -5.07
CA PRO C 64 2.25 -35.25 -4.63
C PRO C 64 1.26 -34.10 -4.71
N PHE C 65 1.72 -32.85 -4.63
CA PHE C 65 0.84 -31.69 -4.68
C PHE C 65 0.55 -31.21 -6.09
N LEU C 66 1.17 -31.80 -7.12
CA LEU C 66 0.99 -31.26 -8.47
C LEU C 66 -0.45 -31.41 -8.93
N PRO C 67 -1.11 -32.55 -8.72
CA PRO C 67 -2.51 -32.64 -9.19
C PRO C 67 -3.39 -31.56 -8.60
N GLY C 68 -3.22 -31.25 -7.31
CA GLY C 68 -3.97 -30.18 -6.71
C GLY C 68 -3.64 -28.81 -7.29
N LEU C 69 -2.36 -28.57 -7.60
CA LEU C 69 -2.02 -27.30 -8.25
C LEU C 69 -2.75 -27.17 -9.59
N ILE C 70 -2.74 -28.25 -10.38
CA ILE C 70 -3.36 -28.20 -11.69
CA ILE C 70 -3.37 -28.22 -11.70
C ILE C 70 -4.87 -28.00 -11.56
N GLU C 71 -5.50 -28.67 -10.59
CA GLU C 71 -6.95 -28.53 -10.42
C GLU C 71 -7.33 -27.09 -10.07
N LYS C 72 -6.61 -26.44 -9.15
CA LYS C 72 -6.89 -25.04 -8.83
C LYS C 72 -6.80 -24.15 -10.07
N MET C 73 -5.89 -24.47 -11.00
CA MET C 73 -5.61 -23.62 -12.15
C MET C 73 -6.43 -23.95 -13.39
N THR C 74 -7.24 -25.00 -13.37
CA THR C 74 -8.03 -25.38 -14.54
C THR C 74 -9.30 -24.54 -14.55
N GLY C 75 -9.27 -23.46 -15.31
CA GLY C 75 -10.32 -22.49 -15.33
C GLY C 75 -9.85 -21.30 -16.13
N PRO C 76 -10.65 -20.24 -16.16
CA PRO C 76 -10.26 -19.00 -16.86
C PRO C 76 -9.03 -18.37 -16.22
N VAL C 77 -8.11 -17.93 -17.07
CA VAL C 77 -6.90 -17.21 -16.67
C VAL C 77 -6.66 -16.08 -17.64
N LEU C 78 -6.03 -15.01 -17.14
CA LEU C 78 -5.56 -13.93 -18.00
C LEU C 78 -4.05 -14.02 -18.09
N CYS C 79 -3.58 -14.37 -19.28
CA CYS C 79 -2.15 -14.41 -19.59
C CYS C 79 -1.70 -12.99 -19.91
N MET C 80 -0.55 -12.58 -19.35
CA MET C 80 -0.03 -11.23 -19.58
C MET C 80 1.48 -11.24 -19.68
N VAL C 81 1.99 -10.30 -20.47
CA VAL C 81 3.42 -9.97 -20.49
C VAL C 81 3.53 -8.49 -20.20
N PHE C 82 4.32 -8.13 -19.17
CA PHE C 82 4.63 -6.76 -18.85
C PHE C 82 6.13 -6.50 -19.03
N GLU C 83 6.45 -5.30 -19.49
CA GLU C 83 7.82 -4.88 -19.77
C GLU C 83 8.21 -3.71 -18.87
N GLY C 84 9.43 -3.76 -18.33
CA GLY C 84 9.95 -2.66 -17.53
C GLY C 84 11.34 -2.97 -17.05
N VAL C 85 11.95 -1.99 -16.40
CA VAL C 85 13.26 -2.18 -15.81
C VAL C 85 13.15 -3.17 -14.66
N ASP C 86 13.95 -4.24 -14.72
CA ASP C 86 13.99 -5.21 -13.62
C ASP C 86 12.60 -5.79 -13.33
N VAL C 87 11.74 -5.90 -14.34
CA VAL C 87 10.33 -6.19 -14.04
C VAL C 87 10.11 -7.60 -13.53
N ILE C 88 10.98 -8.55 -13.85
CA ILE C 88 10.79 -9.90 -13.32
C ILE C 88 10.86 -9.87 -11.80
N ALA C 89 11.97 -9.37 -11.26
CA ALA C 89 12.11 -9.31 -9.80
C ALA C 89 11.11 -8.35 -9.19
N GLN C 90 10.85 -7.21 -9.86
CA GLN C 90 9.94 -6.23 -9.28
C GLN C 90 8.53 -6.76 -9.23
N ALA C 91 8.07 -7.45 -10.26
CA ALA C 91 6.72 -8.01 -10.19
C ALA C 91 6.61 -9.04 -9.07
N ARG C 92 7.65 -9.84 -8.86
CA ARG C 92 7.65 -10.78 -7.74
C ARG C 92 7.50 -10.03 -6.41
N LYS C 93 8.21 -8.92 -6.27
CA LYS C 93 8.11 -8.15 -5.03
C LYS C 93 6.70 -7.59 -4.86
N MET C 94 6.09 -7.16 -5.96
CA MET C 94 4.74 -6.60 -5.90
C MET C 94 3.71 -7.67 -5.56
N MET C 95 3.90 -8.89 -6.06
CA MET C 95 2.96 -9.96 -5.74
C MET C 95 3.04 -10.34 -4.27
N GLY C 96 4.25 -10.32 -3.71
CA GLY C 96 4.48 -10.72 -2.35
C GLY C 96 4.66 -12.23 -2.22
N SER C 97 4.98 -12.65 -0.99
CA SER C 97 5.25 -14.05 -0.70
C SER C 97 4.14 -14.97 -1.19
N THR C 98 4.53 -16.20 -1.54
CA THR C 98 3.60 -17.23 -1.99
C THR C 98 2.45 -17.41 -1.01
N ARG C 99 2.77 -17.48 0.28
CA ARG C 99 1.76 -17.53 1.32
C ARG C 99 1.32 -16.11 1.66
N PRO C 100 0.05 -15.76 1.42
CA PRO C 100 -0.41 -14.39 1.68
C PRO C 100 -0.17 -13.92 3.10
N GLY C 101 -0.23 -14.84 4.07
CA GLY C 101 -0.05 -14.48 5.46
C GLY C 101 1.37 -14.06 5.80
N GLU C 102 2.33 -14.42 4.94
CA GLU C 102 3.73 -14.02 5.09
C GLU C 102 4.10 -12.83 4.22
N ALA C 103 3.20 -12.45 3.32
CA ALA C 103 3.47 -11.37 2.37
C ALA C 103 3.39 -10.01 3.06
N ALA C 104 4.18 -9.07 2.54
CA ALA C 104 4.24 -7.73 3.12
C ALA C 104 2.97 -6.92 2.82
N PRO C 105 2.50 -6.10 3.76
CA PRO C 105 1.37 -5.22 3.43
C PRO C 105 1.73 -4.35 2.23
N GLY C 106 0.75 -4.12 1.38
CA GLY C 106 0.96 -3.41 0.14
C GLY C 106 1.25 -4.29 -1.06
N THR C 107 1.51 -5.57 -0.86
CA THR C 107 1.63 -6.50 -1.96
C THR C 107 0.25 -7.07 -2.35
N ILE C 108 0.18 -7.60 -3.57
CA ILE C 108 -1.09 -8.14 -4.05
C ILE C 108 -1.58 -9.25 -3.14
N ARG C 109 -0.72 -10.22 -2.85
CA ARG C 109 -1.21 -11.35 -2.07
C ARG C 109 -1.61 -10.94 -0.65
N ALA C 110 -0.87 -10.02 -0.02
CA ALA C 110 -1.27 -9.58 1.32
C ALA C 110 -2.56 -8.79 1.29
N ASP C 111 -2.78 -8.01 0.23
CA ASP C 111 -3.93 -7.12 0.19
C ASP C 111 -5.23 -7.84 -0.20
N PHE C 112 -5.13 -8.96 -0.93
CA PHE C 112 -6.28 -9.62 -1.52
C PHE C 112 -6.57 -11.03 -1.01
N CYS C 113 -5.59 -11.73 -0.40
CA CYS C 113 -5.68 -13.19 -0.29
C CYS C 113 -5.42 -13.68 1.13
N GLN C 114 -5.74 -14.95 1.33
CA GLN C 114 -5.58 -15.61 2.63
C GLN C 114 -4.67 -16.82 2.59
N GLN C 115 -4.75 -17.65 1.55
CA GLN C 115 -4.01 -18.90 1.47
C GLN C 115 -3.26 -19.05 0.16
N ALA C 116 -2.13 -19.77 0.23
CA ALA C 116 -1.28 -19.95 -0.94
C ALA C 116 -2.01 -20.59 -2.11
N GLY C 117 -2.90 -21.55 -1.82
CA GLY C 117 -3.60 -22.21 -2.90
C GLY C 117 -4.56 -21.32 -3.66
N ARG C 118 -4.94 -20.18 -3.09
CA ARG C 118 -5.75 -19.18 -3.79
C ARG C 118 -5.05 -17.83 -3.62
N ASN C 119 -3.95 -17.65 -4.35
CA ASN C 119 -3.12 -16.46 -4.18
C ASN C 119 -3.08 -15.59 -5.44
N LEU C 120 -4.13 -15.68 -6.26
CA LEU C 120 -4.57 -14.71 -7.26
C LEU C 120 -3.75 -14.57 -8.52
N ILE C 121 -2.45 -14.81 -8.48
CA ILE C 121 -1.59 -14.37 -9.57
C ILE C 121 -0.32 -15.20 -9.53
N HIS C 122 0.17 -15.50 -10.73
CA HIS C 122 1.48 -16.09 -10.97
C HIS C 122 2.39 -15.06 -11.63
N GLY C 123 3.68 -15.07 -11.27
CA GLY C 123 4.69 -14.32 -12.00
C GLY C 123 5.97 -15.12 -12.13
N SER C 124 6.65 -14.93 -13.25
CA SER C 124 7.92 -15.62 -13.48
C SER C 124 8.91 -15.34 -12.36
N ASP C 125 9.69 -16.35 -11.98
CA ASP C 125 10.62 -16.17 -10.87
C ASP C 125 12.05 -15.86 -11.28
N SER C 126 12.36 -15.83 -12.58
CA SER C 126 13.73 -15.62 -13.03
C SER C 126 13.70 -15.32 -14.52
N ALA C 127 14.85 -14.84 -15.03
CA ALA C 127 14.97 -14.58 -16.46
C ALA C 127 14.72 -15.84 -17.27
N GLU C 128 15.25 -16.98 -16.84
CA GLU C 128 15.05 -18.19 -17.62
C GLU C 128 13.59 -18.61 -17.60
N SER C 129 12.96 -18.53 -16.43
CA SER C 129 11.57 -18.95 -16.38
CA SER C 129 11.56 -18.91 -16.33
C SER C 129 10.67 -17.98 -17.13
N ALA C 130 10.99 -16.67 -17.15
CA ALA C 130 10.18 -15.74 -17.94
C ALA C 130 10.21 -16.09 -19.41
N LYS C 131 11.42 -16.35 -19.95
CA LYS C 131 11.53 -16.69 -21.36
C LYS C 131 10.75 -17.95 -21.66
N ARG C 132 10.85 -18.95 -20.79
CA ARG C 132 10.14 -20.22 -20.99
C ARG C 132 8.64 -20.02 -20.93
N GLU C 133 8.17 -19.26 -19.94
CA GLU C 133 6.72 -19.12 -19.74
C GLU C 133 6.09 -18.27 -20.83
N ILE C 134 6.76 -17.20 -21.24
CA ILE C 134 6.22 -16.40 -22.34
C ILE C 134 6.08 -17.26 -23.58
N SER C 135 7.08 -18.08 -23.88
CA SER C 135 7.04 -18.94 -25.06
C SER C 135 5.97 -20.02 -24.95
N LEU C 136 5.70 -20.51 -23.74
CA LEU C 136 4.69 -21.52 -23.54
C LEU C 136 3.29 -20.98 -23.81
N TRP C 137 3.00 -19.80 -23.27
CA TRP C 137 1.64 -19.31 -23.24
C TRP C 137 1.31 -18.38 -24.40
N PHE C 138 2.31 -17.83 -25.07
CA PHE C 138 2.12 -16.91 -26.18
C PHE C 138 2.90 -17.35 -27.42
N LYS C 139 2.31 -17.12 -28.59
CA LYS C 139 3.01 -17.18 -29.87
C LYS C 139 3.74 -15.87 -30.12
N PRO C 140 4.85 -15.87 -30.87
CA PRO C 140 5.57 -14.60 -31.08
C PRO C 140 4.70 -13.53 -31.70
N GLU C 141 3.77 -13.90 -32.58
CA GLU C 141 2.91 -12.89 -33.20
C GLU C 141 1.97 -12.22 -32.21
N GLU C 142 1.79 -12.77 -31.00
CA GLU C 142 0.94 -12.17 -29.99
C GLU C 142 1.67 -11.14 -29.13
N ILE C 143 2.99 -11.04 -29.23
CA ILE C 143 3.79 -10.12 -28.44
C ILE C 143 3.92 -8.82 -29.22
N GLN C 144 3.46 -7.71 -28.63
CA GLN C 144 3.26 -6.44 -29.30
C GLN C 144 4.35 -5.45 -28.90
N SER C 145 5.03 -4.89 -29.88
CA SER C 145 6.11 -3.92 -29.64
CA SER C 145 6.11 -3.92 -29.64
C SER C 145 5.62 -2.51 -29.97
N TYR C 146 5.62 -1.63 -28.97
CA TYR C 146 5.32 -0.22 -29.13
C TYR C 146 6.00 0.50 -27.97
N LYS C 147 6.12 1.81 -28.11
CA LYS C 147 6.77 2.66 -27.11
C LYS C 147 5.72 3.47 -26.36
N LEU C 148 5.85 3.50 -25.02
CA LEU C 148 5.02 4.36 -24.20
C LEU C 148 5.36 5.84 -24.43
N ALA C 149 4.33 6.64 -24.64
CA ALA C 149 4.52 8.07 -24.89
C ALA C 149 5.15 8.80 -23.70
N LEU C 150 4.97 8.28 -22.48
CA LEU C 150 5.56 8.86 -21.28
C LEU C 150 6.95 8.31 -20.98
N SER C 151 7.59 7.61 -21.93
CA SER C 151 8.89 6.99 -21.70
CA SER C 151 8.89 7.00 -21.70
C SER C 151 9.92 7.97 -21.11
N ASP C 152 9.93 9.23 -21.59
CA ASP C 152 10.96 10.17 -21.11
C ASP C 152 10.81 10.49 -19.63
N TYR C 153 9.63 10.26 -19.07
CA TYR C 153 9.32 10.56 -17.68
C TYR C 153 9.25 9.31 -16.83
N ILE C 154 9.46 8.13 -17.43
CA ILE C 154 9.51 6.86 -16.72
C ILE C 154 10.94 6.36 -16.59
N PHE C 155 11.72 6.47 -17.67
CA PHE C 155 13.07 5.94 -17.70
C PHE C 155 14.10 7.04 -17.57
N GLU C 156 15.20 6.73 -16.90
CA GLU C 156 16.22 7.74 -16.65
C GLU C 156 17.12 7.79 -17.88
P TMP D . -5.97 -0.24 21.78
O1P TMP D . -5.65 -0.37 20.31
O2P TMP D . -7.04 -1.25 22.21
O3P TMP D . -6.35 1.16 22.24
O5' TMP D . -4.64 -0.55 22.63
C5' TMP D . -3.91 -1.78 22.31
C4' TMP D . -2.60 -1.74 23.06
O4' TMP D . -1.94 -0.52 22.63
C3' TMP D . -2.87 -1.58 24.56
O3' TMP D . -1.85 -2.32 25.25
C2' TMP D . -2.54 -0.12 24.83
C1' TMP D . -1.51 0.22 23.75
N1 TMP D . -1.56 1.65 23.40
C2 TMP D . -0.40 2.38 23.57
O2 TMP D . 0.65 1.89 23.95
N3 TMP D . -0.53 3.72 23.27
C4 TMP D . -1.66 4.39 22.86
O4 TMP D . -1.62 5.60 22.66
C5 TMP D . -2.84 3.57 22.70
C5M TMP D . -4.11 4.20 22.24
C6 TMP D . -2.74 2.25 22.99
C ACT E . 3.18 -5.64 13.07
O ACT E . 2.90 -6.50 12.22
OXT ACT E . 2.37 -4.87 13.65
CH3 ACT E . 4.67 -5.51 13.44
P TMP F . 16.17 14.64 -5.18
O1P TMP F . 15.08 13.74 -4.63
O2P TMP F . 16.07 16.10 -4.71
O3P TMP F . 16.38 14.63 -6.71
O5' TMP F . 17.55 14.04 -4.61
C5' TMP F . 17.53 13.49 -3.28
C4' TMP F . 18.82 12.70 -3.13
O4' TMP F . 18.73 11.64 -4.09
C3' TMP F . 20.00 13.58 -3.56
O3' TMP F . 21.08 13.32 -2.65
C2' TMP F . 20.43 12.99 -4.90
C1' TMP F . 19.92 11.56 -4.85
N1 TMP F . 19.55 11.07 -6.18
C2 TMP F . 20.25 10.00 -6.70
O2 TMP F . 21.16 9.44 -6.09
N3 TMP F . 19.87 9.61 -7.95
C4 TMP F . 18.88 10.17 -8.74
O4 TMP F . 18.64 9.71 -9.86
C5 TMP F . 18.18 11.29 -8.14
C5M TMP F . 17.07 11.95 -8.92
C6 TMP F . 18.55 11.68 -6.91
P TMP G . 2.29 -20.38 -9.10
O1P TMP G . 2.24 -18.98 -8.59
O2P TMP G . 2.77 -20.46 -10.59
O3P TMP G . 0.99 -21.20 -8.93
O5' TMP G . 3.38 -21.17 -8.21
C5' TMP G . 4.63 -20.52 -7.96
C4' TMP G . 5.42 -21.35 -6.99
O4' TMP G . 4.64 -21.39 -5.78
C3' TMP G . 5.50 -22.80 -7.50
O3' TMP G . 6.82 -23.27 -7.23
C2' TMP G . 4.60 -23.58 -6.54
C1' TMP G . 4.53 -22.72 -5.31
N1 TMP G . 3.20 -22.83 -4.66
C2 TMP G . 3.14 -23.29 -3.36
O2 TMP G . 4.13 -23.58 -2.70
N3 TMP G . 1.87 -23.40 -2.84
C4 TMP G . 0.69 -23.09 -3.48
O4 TMP G . -0.39 -23.25 -2.90
C5 TMP G . 0.82 -22.62 -4.84
C5M TMP G . -0.42 -22.27 -5.62
C6 TMP G . 2.06 -22.51 -5.36
#